data_5TO4
#
_entry.id   5TO4
#
_cell.length_a   34.030
_cell.length_b   36.440
_cell.length_c   88.380
_cell.angle_alpha   90.000
_cell.angle_beta   90.000
_cell.angle_gamma   90.000
#
_symmetry.space_group_name_H-M   'P 21 21 21'
#
loop_
_entity.id
_entity.type
_entity.pdbx_description
1 polymer '1-phosphatidylinositol 4,5-bisphosphate phosphodiesterase gamma-1'
2 water water
#
_entity_poly.entity_id   1
_entity_poly.type   'polypeptide(L)'
_entity_poly.pdbx_seq_one_letter_code
;GSHMHESKEWYHASLTRAQAEHMLMRVPRDGAFLVRKRNEPNSYAISFRAEGKIKHCRVQQEGQTVMLGNSEFDSLVDLI
SYYEKHPLYRKMKLRYPINEE
;
_entity_poly.pdbx_strand_id   A
#
# COMPACT_ATOMS: atom_id res chain seq x y z
N SER A 2 1.15 6.60 -14.52
CA SER A 2 2.49 6.04 -14.45
C SER A 2 2.38 4.57 -14.07
N HIS A 3 3.24 3.74 -14.66
CA HIS A 3 3.23 2.31 -14.41
C HIS A 3 4.48 1.83 -13.70
N MET A 4 5.28 2.74 -13.14
CA MET A 4 6.52 2.35 -12.49
C MET A 4 6.27 1.42 -11.30
N HIS A 5 5.12 1.56 -10.65
CA HIS A 5 4.84 0.72 -9.49
C HIS A 5 4.77 -0.73 -9.88
N GLU A 6 4.48 -1.04 -11.16
CA GLU A 6 4.17 -2.42 -11.51
C GLU A 6 5.38 -3.31 -11.33
N SER A 7 6.59 -2.75 -11.35
CA SER A 7 7.80 -3.54 -11.20
C SER A 7 8.38 -3.45 -9.80
N LYS A 8 7.69 -2.79 -8.87
CA LYS A 8 8.20 -2.64 -7.52
C LYS A 8 7.90 -3.86 -6.66
N GLU A 9 8.85 -4.19 -5.77
CA GLU A 9 8.75 -5.45 -5.00
C GLU A 9 7.55 -5.45 -4.07
N TRP A 10 7.02 -4.28 -3.71
CA TRP A 10 5.87 -4.21 -2.83
C TRP A 10 4.55 -4.26 -3.58
N TYR A 11 4.57 -4.27 -4.91
CA TYR A 11 3.35 -4.19 -5.70
C TYR A 11 2.94 -5.56 -6.24
N HIS A 12 1.65 -5.85 -6.14
CA HIS A 12 1.09 -7.13 -6.55
C HIS A 12 -0.11 -6.90 -7.46
N ALA A 13 -0.01 -7.40 -8.69
CA ALA A 13 -1.06 -7.15 -9.69
C ALA A 13 -2.33 -7.93 -9.42
N SER A 14 -2.23 -9.09 -8.82
CA SER A 14 -3.36 -10.01 -8.69
C SER A 14 -3.32 -10.58 -7.30
N LEU A 15 -3.85 -9.82 -6.35
CA LEU A 15 -3.86 -10.25 -4.97
C LEU A 15 -5.09 -9.70 -4.30
N THR A 16 -5.93 -10.58 -3.76
CA THR A 16 -7.14 -10.09 -3.14
C THR A 16 -6.82 -9.59 -1.75
N ARG A 17 -7.80 -8.90 -1.15
CA ARG A 17 -7.67 -8.48 0.23
C ARG A 17 -7.24 -9.64 1.15
N ALA A 18 -7.97 -10.74 1.10
CA ALA A 18 -7.69 -11.84 2.02
C ALA A 18 -6.34 -12.51 1.71
N GLN A 19 -6.00 -12.65 0.42
CA GLN A 19 -4.67 -13.16 0.08
C GLN A 19 -3.58 -12.27 0.65
N ALA A 20 -3.78 -10.95 0.60
CA ALA A 20 -2.82 -10.03 1.19
C ALA A 20 -2.70 -10.23 2.70
N GLU A 21 -3.85 -10.29 3.39
CA GLU A 21 -3.83 -10.57 4.83
C GLU A 21 -3.04 -11.83 5.14
N HIS A 22 -3.31 -12.90 4.39
CA HIS A 22 -2.58 -14.16 4.61
C HIS A 22 -1.07 -13.95 4.50
N MET A 23 -0.64 -13.20 3.47
CA MET A 23 0.79 -12.93 3.30
C MET A 23 1.33 -12.16 4.49
N LEU A 24 0.55 -11.23 5.04
CA LEU A 24 1.02 -10.41 6.14
C LEU A 24 0.98 -11.15 7.47
N MET A 25 0.43 -12.36 7.49
CA MET A 25 0.39 -13.14 8.73
C MET A 25 1.72 -13.77 9.06
N ARG A 26 2.51 -14.11 8.04
CA ARG A 26 3.66 -14.98 8.26
C ARG A 26 4.67 -14.34 9.20
N VAL A 27 5.09 -13.12 8.88
CA VAL A 27 5.97 -12.38 9.78
C VAL A 27 5.16 -11.23 10.36
N PRO A 28 4.43 -11.45 11.43
CA PRO A 28 3.60 -10.38 11.97
C PRO A 28 4.47 -9.32 12.62
N ARG A 29 4.71 -8.23 11.88
CA ARG A 29 5.43 -7.08 12.40
C ARG A 29 4.69 -5.82 11.98
N ASP A 30 4.44 -4.93 12.93
CA ASP A 30 3.97 -3.62 12.56
C ASP A 30 4.94 -3.01 11.56
N GLY A 31 4.40 -2.39 10.50
CA GLY A 31 5.21 -1.83 9.43
C GLY A 31 5.32 -2.67 8.18
N ALA A 32 4.94 -3.94 8.24
CA ALA A 32 4.90 -4.76 7.04
C ALA A 32 3.84 -4.22 6.10
N PHE A 33 4.13 -4.28 4.80
CA PHE A 33 3.16 -3.75 3.83
C PHE A 33 3.32 -4.33 2.42
N LEU A 34 2.27 -4.15 1.64
CA LEU A 34 2.28 -4.39 0.20
C LEU A 34 1.23 -3.47 -0.40
N VAL A 35 1.23 -3.36 -1.72
CA VAL A 35 0.20 -2.64 -2.46
C VAL A 35 -0.39 -3.59 -3.47
N ARG A 36 -1.70 -3.50 -3.66
CA ARG A 36 -2.40 -4.40 -4.56
C ARG A 36 -3.42 -3.62 -5.37
N LYS A 37 -3.69 -4.10 -6.57
CA LYS A 37 -4.75 -3.53 -7.37
C LYS A 37 -6.10 -3.96 -6.82
N ARG A 38 -7.02 -3.02 -6.68
CA ARG A 38 -8.37 -3.35 -6.24
C ARG A 38 -9.22 -3.72 -7.45
N ASN A 39 -10.44 -4.17 -7.19
CA ASN A 39 -11.32 -4.61 -8.28
C ASN A 39 -11.78 -3.46 -9.18
N GLU A 40 -11.84 -2.23 -8.70
CA GLU A 40 -12.20 -1.11 -9.57
C GLU A 40 -11.03 -0.69 -10.46
N PRO A 41 -11.31 -0.18 -11.67
CA PRO A 41 -10.22 0.03 -12.64
C PRO A 41 -9.14 0.98 -12.17
N ASN A 42 -9.49 1.92 -11.29
CA ASN A 42 -8.60 3.05 -10.96
C ASN A 42 -8.23 3.00 -9.50
N SER A 43 -8.27 1.83 -8.88
CA SER A 43 -8.17 1.75 -7.42
C SER A 43 -7.06 0.79 -7.00
N TYR A 44 -6.37 1.17 -5.93
CA TYR A 44 -5.35 0.34 -5.30
C TYR A 44 -5.61 0.29 -3.80
N ALA A 45 -4.97 -0.67 -3.13
CA ALA A 45 -5.00 -0.72 -1.69
C ALA A 45 -3.60 -0.93 -1.15
N ILE A 46 -3.28 -0.19 -0.10
CA ILE A 46 -2.10 -0.47 0.70
C ILE A 46 -2.58 -1.38 1.84
N SER A 47 -2.01 -2.58 1.94
CA SER A 47 -2.31 -3.48 3.04
C SER A 47 -1.08 -3.54 3.93
N PHE A 48 -1.28 -3.29 5.22
CA PHE A 48 -0.16 -3.13 6.12
C PHE A 48 -0.57 -3.53 7.52
N ARG A 49 0.44 -3.74 8.34
CA ARG A 49 0.27 -4.08 9.74
C ARG A 49 0.60 -2.89 10.61
N ALA A 50 -0.33 -2.49 11.48
CA ALA A 50 -0.14 -1.36 12.36
C ALA A 50 -0.84 -1.65 13.68
N GLU A 51 -0.14 -1.43 14.78
CA GLU A 51 -0.73 -1.63 16.10
C GLU A 51 -1.28 -3.05 16.27
N GLY A 52 -0.56 -4.04 15.75
CA GLY A 52 -0.94 -5.43 15.85
C GLY A 52 -2.06 -5.86 14.93
N LYS A 53 -2.59 -4.97 14.10
CA LYS A 53 -3.72 -5.30 13.25
C LYS A 53 -3.33 -5.14 11.79
N ILE A 54 -4.05 -5.81 10.90
CA ILE A 54 -3.89 -5.60 9.47
C ILE A 54 -4.89 -4.56 9.04
N LYS A 55 -4.41 -3.53 8.32
CA LYS A 55 -5.26 -2.46 7.87
C LYS A 55 -5.12 -2.36 6.36
N HIS A 56 -6.17 -1.84 5.75
CA HIS A 56 -6.22 -1.61 4.31
C HIS A 56 -6.59 -0.16 4.06
N CYS A 57 -5.85 0.48 3.16
N CYS A 57 -5.80 0.52 3.24
N CYS A 57 -5.82 0.54 3.24
CA CYS A 57 -6.00 1.90 2.86
CA CYS A 57 -6.04 1.91 2.88
CA CYS A 57 -6.17 1.91 2.92
C CYS A 57 -6.19 2.04 1.36
C CYS A 57 -6.24 2.00 1.38
C CYS A 57 -6.21 2.09 1.42
N ARG A 58 -7.31 2.66 0.94
CA ARG A 58 -7.58 2.82 -0.47
C ARG A 58 -6.83 4.01 -1.06
N VAL A 59 -6.27 3.81 -2.26
CA VAL A 59 -5.59 4.84 -3.03
C VAL A 59 -6.30 4.92 -4.37
N GLN A 60 -6.63 6.13 -4.80
CA GLN A 60 -7.39 6.31 -6.02
C GLN A 60 -6.51 6.93 -7.08
N GLN A 61 -6.51 6.34 -8.27
CA GLN A 61 -5.88 6.93 -9.42
C GLN A 61 -6.93 7.76 -10.13
N GLU A 62 -6.57 8.99 -10.43
CA GLU A 62 -7.43 9.86 -11.19
C GLU A 62 -6.56 10.66 -12.13
N GLY A 63 -6.85 10.58 -13.41
CA GLY A 63 -6.00 11.21 -14.38
C GLY A 63 -4.56 10.84 -14.19
N GLN A 64 -3.73 11.86 -13.98
CA GLN A 64 -2.29 11.71 -13.93
C GLN A 64 -1.73 11.72 -12.50
N THR A 65 -2.58 11.58 -11.49
CA THR A 65 -2.17 11.64 -10.08
C THR A 65 -2.85 10.52 -9.30
N VAL A 66 -2.42 10.34 -8.05
CA VAL A 66 -3.07 9.39 -7.14
C VAL A 66 -3.39 10.14 -5.87
N MET A 67 -4.35 9.63 -5.13
CA MET A 67 -4.86 10.32 -3.97
C MET A 67 -5.03 9.34 -2.82
N LEU A 68 -4.53 9.71 -1.66
N LEU A 68 -4.52 9.71 -1.67
CA LEU A 68 -4.70 8.97 -0.42
CA LEU A 68 -4.70 8.97 -0.42
C LEU A 68 -5.32 9.93 0.58
C LEU A 68 -5.32 9.92 0.58
N GLY A 69 -6.57 9.68 0.95
CA GLY A 69 -7.26 10.65 1.78
C GLY A 69 -7.30 11.95 1.00
N ASN A 70 -6.77 13.03 1.59
CA ASN A 70 -6.75 14.32 0.91
C ASN A 70 -5.36 14.65 0.36
N SER A 71 -4.45 13.69 0.34
CA SER A 71 -3.07 13.90 -0.07
C SER A 71 -2.87 13.37 -1.49
N GLU A 72 -2.49 14.27 -2.39
CA GLU A 72 -2.25 13.96 -3.78
C GLU A 72 -0.75 13.78 -4.04
N PHE A 73 -0.41 12.79 -4.85
CA PHE A 73 0.94 12.54 -5.30
C PHE A 73 0.92 12.35 -6.80
N ASP A 74 2.07 12.57 -7.45
CA ASP A 74 2.15 12.39 -8.89
C ASP A 74 2.07 10.94 -9.32
N SER A 75 2.32 9.99 -8.42
CA SER A 75 2.34 8.61 -8.82
C SER A 75 2.29 7.74 -7.57
N LEU A 76 1.94 6.48 -7.79
CA LEU A 76 1.92 5.52 -6.70
C LEU A 76 3.32 5.30 -6.12
N VAL A 77 4.37 5.30 -6.95
CA VAL A 77 5.70 5.13 -6.39
C VAL A 77 6.08 6.32 -5.49
N ASP A 78 5.69 7.52 -5.90
CA ASP A 78 5.98 8.69 -5.07
C ASP A 78 5.23 8.63 -3.76
N LEU A 79 3.97 8.19 -3.80
CA LEU A 79 3.20 8.03 -2.59
C LEU A 79 3.88 7.05 -1.64
N ILE A 80 4.28 5.91 -2.14
CA ILE A 80 4.85 4.91 -1.24
C ILE A 80 6.17 5.40 -0.72
N SER A 81 6.99 5.98 -1.59
CA SER A 81 8.27 6.55 -1.14
C SER A 81 8.04 7.53 0.01
N TYR A 82 7.02 8.38 -0.11
CA TYR A 82 6.74 9.33 0.96
C TYR A 82 6.43 8.63 2.26
N TYR A 83 5.61 7.57 2.20
CA TYR A 83 5.15 6.95 3.43
C TYR A 83 6.10 5.89 3.94
N GLU A 84 7.22 5.70 3.25
CA GLU A 84 8.34 4.98 3.82
C GLU A 84 9.17 5.85 4.73
N LYS A 85 9.02 7.16 4.61
CA LYS A 85 9.80 8.14 5.36
C LYS A 85 8.94 8.98 6.29
N HIS A 86 7.63 8.94 6.16
CA HIS A 86 6.69 9.68 6.96
C HIS A 86 5.59 8.77 7.43
N PRO A 87 5.01 9.04 8.61
CA PRO A 87 3.95 8.17 9.12
C PRO A 87 2.73 8.12 8.20
N LEU A 88 2.26 6.90 7.96
CA LEU A 88 0.99 6.68 7.28
C LEU A 88 -0.18 6.55 8.24
N TYR A 89 0.02 5.86 9.35
CA TYR A 89 -1.06 5.49 10.25
C TYR A 89 -0.51 5.67 11.65
N ARG A 90 -1.08 6.61 12.38
CA ARG A 90 -0.51 7.02 13.64
C ARG A 90 0.98 7.29 13.49
N LYS A 91 1.82 6.50 14.12
CA LYS A 91 3.24 6.74 14.09
C LYS A 91 3.96 5.82 13.14
N MET A 92 3.24 4.88 12.54
CA MET A 92 3.85 3.81 11.78
C MET A 92 4.07 4.28 10.36
N LYS A 93 5.30 4.09 9.89
CA LYS A 93 5.66 4.23 8.48
C LYS A 93 5.53 2.89 7.79
N LEU A 94 5.57 2.93 6.46
CA LEU A 94 5.69 1.69 5.69
C LEU A 94 7.13 1.27 5.73
N ARG A 95 7.41 0.15 6.37
CA ARG A 95 8.78 -0.22 6.64
C ARG A 95 9.21 -1.48 5.93
N TYR A 96 8.40 -2.54 5.98
N TYR A 96 8.40 -2.54 5.98
CA TYR A 96 8.81 -3.88 5.58
CA TYR A 96 8.81 -3.88 5.58
C TYR A 96 7.95 -4.33 4.40
C TYR A 96 7.95 -4.33 4.40
N PRO A 97 8.41 -4.12 3.17
CA PRO A 97 7.67 -4.61 2.00
C PRO A 97 7.64 -6.13 1.87
N ILE A 98 6.45 -6.60 1.54
CA ILE A 98 6.18 -8.01 1.35
C ILE A 98 6.14 -8.30 -0.14
N ASN A 99 7.02 -9.20 -0.55
CA ASN A 99 7.16 -9.56 -1.96
C ASN A 99 6.74 -11.00 -2.23
N GLU A 100 7.58 -11.97 -1.88
CA GLU A 100 7.28 -13.35 -2.26
C GLU A 100 7.63 -14.33 -1.14
#